data_9S6Z
#
_entry.id   9S6Z
#
loop_
_entity.id
_entity.type
_entity.pdbx_description
1 polymer "DNA (5'-D(*TP*CP*CP*(CFZ)P*(DNR)P*C)-3')"
2 polymer "DNA (5'-D(*TP*(DNR)P*(DNR)P*(CFZ)P*CP*(DNR))-3')"
#
loop_
_entity_poly.entity_id
_entity_poly.type
_entity_poly.pdbx_seq_one_letter_code
_entity_poly.pdbx_strand_id
1 'polydeoxyribonucleotide' (DT)(DC)(DC)(CFZ)(DNR)(DC) A,B
2 'polydeoxyribonucleotide' (DT)(DNR)(DNR)(CFZ)(DC)(DNR) C,D
#